data_1AY1
#
_entry.id   1AY1
#
_cell.length_a   36.500
_cell.length_b   72.700
_cell.length_c   82.200
_cell.angle_alpha   90.00
_cell.angle_beta   98.40
_cell.angle_gamma   90.00
#
_symmetry.space_group_name_H-M   'P 1 21 1'
#
loop_
_entity.id
_entity.type
_entity.pdbx_description
1 polymer 'TP7 FAB'
2 polymer 'TP7 FAB'
#
loop_
_entity_poly.entity_id
_entity_poly.type
_entity_poly.pdbx_seq_one_letter_code
_entity_poly.pdbx_strand_id
1 'polypeptide(L)'
;DIQMTQSPAIMSASPGEKVTMTCSASSSVSYMYWYQQKPGSSPRLLIYDSTNLASGVPVRFSGSGSGTSYSLTISRMEAE
DAATYYCQQWSTYPLTFGAGTKLELKRADAAPTVSIFPPSSEQLTSGGASVVCFLNNFYPKDINVKWKIDGSERQNGVLN
SWTDQDSKDSTYSMSSTLTLTKDEYERHNSYTCEATHKTSTSPIVKSFNR
;
L
2 'polypeptide(L)'
;EVQLQESGPGLVKPYQSLSLSCTVTGYSITSDYAWNWIRQFPGNKLEWMGYITYSGTTDYNPSLKSRISITRDTSKNQFF
LQLNSVTTEDTATYYCARYYYGYWYFDVWGQGTTLTVSSAKTTAPSVYPLAPVSSVTLGCLVKGYFPEPVTLTWNSGSLS
SGVHTFPAVLQSDLYTLSSSVTVTSSTWPSQSITCNVAHPASSTKVDKKIEPR
;
H
#
# COMPACT_ATOMS: atom_id res chain seq x y z
N ASP A 1 12.24 20.27 15.12
CA ASP A 1 11.65 20.36 13.79
C ASP A 1 12.69 20.04 12.73
N ILE A 2 13.40 18.93 12.94
CA ILE A 2 14.43 18.44 12.04
C ILE A 2 13.80 17.55 10.97
N GLN A 3 14.28 17.69 9.74
CA GLN A 3 13.81 16.89 8.62
C GLN A 3 14.76 15.70 8.53
N MET A 4 14.21 14.51 8.33
CA MET A 4 15.02 13.29 8.25
C MET A 4 15.00 12.67 6.87
N THR A 5 16.18 12.47 6.30
CA THR A 5 16.30 11.91 4.97
C THR A 5 16.94 10.53 4.96
N GLN A 6 16.15 9.56 4.51
CA GLN A 6 16.58 8.18 4.41
C GLN A 6 16.88 7.86 2.96
N SER A 7 18.15 7.58 2.72
CA SER A 7 18.66 7.29 1.39
C SER A 7 19.55 6.08 1.46
N PRO A 8 19.21 5.00 0.72
CA PRO A 8 18.38 4.98 -0.48
C PRO A 8 16.92 4.72 -0.12
N ALA A 9 16.02 5.21 -0.95
CA ALA A 9 14.59 5.04 -0.69
C ALA A 9 14.27 3.57 -0.83
N ILE A 10 14.87 2.91 -1.82
CA ILE A 10 14.63 1.49 -2.02
C ILE A 10 15.95 0.85 -2.39
N MET A 11 16.05 -0.45 -2.12
CA MET A 11 17.25 -1.22 -2.43
C MET A 11 16.91 -2.68 -2.34
N SER A 12 17.74 -3.52 -2.96
CA SER A 12 17.52 -4.95 -2.92
C SER A 12 18.81 -5.57 -2.46
N ALA A 13 18.74 -6.77 -1.90
CA ALA A 13 19.93 -7.46 -1.44
C ALA A 13 19.66 -8.94 -1.36
N SER A 14 20.69 -9.74 -1.60
CA SER A 14 20.53 -11.19 -1.55
C SER A 14 20.95 -11.64 -0.17
N PRO A 15 20.38 -12.74 0.32
CA PRO A 15 20.83 -13.22 1.63
C PRO A 15 22.37 -13.35 1.68
N GLY A 16 22.96 -12.99 2.81
CA GLY A 16 24.41 -13.08 2.96
C GLY A 16 25.19 -11.80 2.72
N GLU A 17 24.55 -10.76 2.22
CA GLU A 17 25.26 -9.50 1.97
C GLU A 17 25.25 -8.54 3.17
N LYS A 18 26.16 -7.58 3.15
CA LYS A 18 26.26 -6.58 4.20
C LYS A 18 25.42 -5.40 3.73
N VAL A 19 24.41 -5.06 4.52
CA VAL A 19 23.50 -3.98 4.18
C VAL A 19 23.74 -2.74 5.05
N THR A 20 23.58 -1.55 4.47
CA THR A 20 23.77 -0.29 5.16
C THR A 20 22.85 0.80 4.61
N MET A 21 21.99 1.33 5.48
CA MET A 21 21.11 2.42 5.10
C MET A 21 21.53 3.63 5.91
N THR A 22 21.12 4.81 5.48
CA THR A 22 21.50 6.04 6.16
C THR A 22 20.31 6.93 6.50
N CYS A 23 20.50 7.75 7.53
CA CYS A 23 19.50 8.68 7.98
C CYS A 23 20.22 9.98 8.24
N SER A 24 19.87 11.01 7.48
CA SER A 24 20.47 12.32 7.65
C SER A 24 19.50 13.21 8.39
N ALA A 25 20.02 14.11 9.21
CA ALA A 25 19.17 15.01 9.97
C ALA A 25 19.55 16.40 9.48
N SER A 26 18.57 17.29 9.33
CA SER A 26 18.84 18.66 8.87
C SER A 26 19.81 19.35 9.82
N SER A 27 19.70 19.03 11.11
CA SER A 27 20.59 19.58 12.10
C SER A 27 20.78 18.52 13.16
N SER A 28 21.92 18.58 13.85
CA SER A 28 22.30 17.63 14.88
C SER A 28 21.19 17.09 15.77
N VAL A 29 21.30 15.79 16.02
CA VAL A 29 20.38 15.05 16.86
C VAL A 29 21.23 14.23 17.82
N SER A 30 20.74 14.08 19.04
CA SER A 30 21.42 13.30 20.06
C SER A 30 20.77 11.89 20.08
N TYR A 31 21.42 10.99 19.34
CA TYR A 31 21.02 9.56 19.18
C TYR A 31 19.64 9.35 18.52
N MET A 32 19.73 8.68 17.38
CA MET A 32 18.56 8.14 16.59
C MET A 32 17.96 6.79 17.02
N TYR A 33 16.71 6.59 16.56
CA TYR A 33 15.92 5.34 16.80
C TYR A 33 15.55 4.75 15.43
N TRP A 34 15.51 3.43 15.36
CA TRP A 34 15.20 2.73 14.14
C TRP A 34 14.08 1.73 14.42
N TYR A 35 13.11 1.70 13.53
CA TYR A 35 11.99 0.78 13.61
C TYR A 35 12.07 -0.07 12.35
N GLN A 36 11.60 -1.30 12.45
CA GLN A 36 11.59 -2.22 11.32
C GLN A 36 10.11 -2.48 11.10
N GLN A 37 9.65 -2.37 9.87
CA GLN A 37 8.24 -2.62 9.59
C GLN A 37 8.08 -3.69 8.52
N LYS A 38 7.83 -4.91 8.98
CA LYS A 38 7.63 -6.05 8.09
C LYS A 38 6.33 -5.82 7.36
N PRO A 39 6.32 -6.08 6.05
CA PRO A 39 5.06 -5.93 5.31
C PRO A 39 3.93 -6.70 5.97
N GLY A 40 2.79 -6.03 6.13
CA GLY A 40 1.63 -6.68 6.73
C GLY A 40 1.83 -7.04 8.20
N SER A 41 2.35 -6.10 8.98
CA SER A 41 2.56 -6.31 10.41
C SER A 41 2.96 -4.97 11.03
N SER A 42 2.77 -4.86 12.35
CA SER A 42 3.11 -3.64 13.06
C SER A 42 4.61 -3.36 12.95
N PRO A 43 5.00 -2.07 12.96
CA PRO A 43 6.40 -1.73 13.14
C PRO A 43 6.92 -2.17 14.50
N ARG A 44 8.20 -2.48 14.56
CA ARG A 44 8.84 -2.89 15.81
C ARG A 44 10.11 -2.09 15.96
N LEU A 45 10.39 -1.69 17.19
CA LEU A 45 11.58 -0.94 17.49
C LEU A 45 12.75 -1.91 17.27
N LEU A 46 13.83 -1.42 16.68
CA LEU A 46 15.01 -2.23 16.45
C LEU A 46 16.17 -1.69 17.27
N ILE A 47 16.45 -0.41 17.07
CA ILE A 47 17.55 0.27 17.73
C ILE A 47 17.09 1.50 18.49
N TYR A 48 17.58 1.65 19.71
CA TYR A 48 17.24 2.81 20.52
C TYR A 48 18.57 3.37 20.98
N ASP A 49 18.70 4.69 20.96
CA ASP A 49 19.93 5.34 21.38
C ASP A 49 21.13 5.08 20.48
N SER A 50 20.92 5.19 19.17
CA SER A 50 21.94 5.01 18.13
C SER A 50 22.63 3.65 18.01
N THR A 51 22.75 2.88 19.05
CA THR A 51 23.59 1.66 18.92
C THR A 51 23.04 0.53 19.77
N ASN A 52 22.15 0.89 20.65
CA ASN A 52 21.59 -0.09 21.57
C ASN A 52 20.48 -0.89 20.93
N LEU A 53 20.68 -2.19 20.82
CA LEU A 53 19.70 -3.10 20.24
C LEU A 53 18.57 -3.40 21.21
N ALA A 54 17.34 -3.33 20.72
CA ALA A 54 16.21 -3.64 21.57
C ALA A 54 16.26 -5.14 21.83
N SER A 55 15.50 -5.61 22.80
CA SER A 55 15.47 -7.02 23.13
C SER A 55 14.70 -7.75 22.04
N GLY A 56 15.15 -8.96 21.73
CA GLY A 56 14.48 -9.74 20.69
C GLY A 56 14.99 -9.37 19.31
N VAL A 57 16.03 -8.54 19.27
CA VAL A 57 16.61 -8.10 18.00
C VAL A 57 17.90 -8.89 17.74
N PRO A 58 18.06 -9.44 16.53
CA PRO A 58 19.25 -10.22 16.16
C PRO A 58 20.54 -9.42 16.06
N VAL A 59 21.58 -9.96 16.69
CA VAL A 59 22.91 -9.35 16.73
C VAL A 59 23.46 -8.86 15.38
N ARG A 60 22.94 -9.41 14.28
CA ARG A 60 23.41 -9.00 12.95
C ARG A 60 23.13 -7.55 12.62
N PHE A 61 22.21 -6.93 13.35
CA PHE A 61 21.86 -5.52 13.16
C PHE A 61 22.75 -4.67 14.06
N SER A 62 23.23 -3.55 13.52
CA SER A 62 24.04 -2.65 14.31
C SER A 62 23.64 -1.24 13.89
N GLY A 63 23.85 -0.30 14.80
CA GLY A 63 23.52 1.09 14.52
C GLY A 63 24.68 1.96 14.94
N SER A 64 24.93 3.01 14.19
CA SER A 64 26.02 3.90 14.52
C SER A 64 25.68 5.28 13.97
N GLY A 65 26.62 6.21 14.14
CA GLY A 65 26.43 7.57 13.67
C GLY A 65 26.52 8.57 14.79
N SER A 66 26.65 9.83 14.41
CA SER A 66 26.76 10.94 15.34
C SER A 66 26.36 12.22 14.56
N GLY A 67 25.97 13.26 15.28
CA GLY A 67 25.60 14.50 14.62
C GLY A 67 24.44 14.41 13.66
N THR A 68 24.68 14.72 12.38
CA THR A 68 23.62 14.69 11.38
C THR A 68 23.68 13.47 10.50
N SER A 69 24.45 12.47 10.90
CA SER A 69 24.56 11.27 10.08
C SER A 69 24.43 10.03 10.93
N TYR A 70 23.50 9.17 10.54
CA TYR A 70 23.26 7.92 11.26
C TYR A 70 23.03 6.79 10.27
N SER A 71 23.49 5.59 10.60
CA SER A 71 23.33 4.48 9.68
C SER A 71 22.94 3.18 10.34
N LEU A 72 22.28 2.32 9.59
CA LEU A 72 21.85 1.01 10.07
C LEU A 72 22.59 0.01 9.18
N THR A 73 23.20 -0.99 9.80
CA THR A 73 23.95 -1.99 9.06
C THR A 73 23.52 -3.39 9.48
N ILE A 74 23.49 -4.30 8.51
CA ILE A 74 23.15 -5.70 8.76
C ILE A 74 24.38 -6.44 8.25
N SER A 75 25.19 -6.97 9.16
CA SER A 75 26.40 -7.68 8.78
C SER A 75 26.13 -8.73 7.70
N ARG A 76 25.15 -9.60 7.96
CA ARG A 76 24.74 -10.65 7.03
C ARG A 76 23.24 -10.55 6.84
N MET A 77 22.81 -10.40 5.60
CA MET A 77 21.40 -10.31 5.27
C MET A 77 20.68 -11.66 5.30
N GLU A 78 19.44 -11.65 5.77
CA GLU A 78 18.63 -12.85 5.81
C GLU A 78 17.32 -12.51 5.12
N ALA A 79 16.68 -13.51 4.51
CA ALA A 79 15.42 -13.28 3.81
C ALA A 79 14.47 -12.47 4.69
N GLU A 80 14.32 -12.92 5.94
CA GLU A 80 13.43 -12.25 6.88
C GLU A 80 13.79 -10.79 7.24
N ASP A 81 14.79 -10.23 6.58
CA ASP A 81 15.17 -8.85 6.87
C ASP A 81 14.55 -7.91 5.86
N ALA A 82 13.87 -8.46 4.86
CA ALA A 82 13.24 -7.64 3.84
C ALA A 82 12.07 -6.88 4.45
N ALA A 83 12.19 -5.56 4.55
CA ALA A 83 11.14 -4.73 5.12
C ALA A 83 11.52 -3.28 5.00
N THR A 84 10.66 -2.40 5.51
CA THR A 84 10.93 -0.97 5.45
C THR A 84 11.46 -0.60 6.81
N TYR A 85 12.47 0.26 6.83
CA TYR A 85 13.07 0.68 8.07
C TYR A 85 12.94 2.20 8.20
N TYR A 86 12.53 2.66 9.38
CA TYR A 86 12.36 4.09 9.61
C TYR A 86 13.31 4.57 10.70
N CYS A 87 13.85 5.77 10.55
CA CYS A 87 14.70 6.32 11.59
C CYS A 87 13.85 7.39 12.25
N GLN A 88 14.05 7.59 13.54
CA GLN A 88 13.28 8.55 14.30
C GLN A 88 14.18 9.25 15.30
N GLN A 89 13.92 10.53 15.57
CA GLN A 89 14.72 11.21 16.57
C GLN A 89 13.85 12.04 17.52
N TRP A 90 14.43 12.49 18.63
CA TRP A 90 13.67 13.24 19.62
C TRP A 90 14.41 14.36 20.39
N SER A 91 15.67 14.59 20.04
CA SER A 91 16.50 15.58 20.75
C SER A 91 15.95 17.00 20.61
N THR A 92 16.54 17.77 19.73
CA THR A 92 16.06 19.13 19.47
C THR A 92 14.71 18.96 18.79
N TYR A 93 13.64 18.75 19.57
CA TYR A 93 12.40 18.43 18.87
C TYR A 93 11.07 19.05 19.27
N PRO A 94 10.09 19.08 18.32
CA PRO A 94 9.03 18.09 18.01
C PRO A 94 9.56 16.84 17.29
N LEU A 95 9.21 15.66 17.79
CA LEU A 95 9.68 14.40 17.21
C LEU A 95 9.29 14.19 15.76
N THR A 96 10.23 13.71 14.96
CA THR A 96 9.96 13.51 13.54
C THR A 96 10.54 12.18 13.05
N PHE A 97 9.98 11.66 11.97
CA PHE A 97 10.43 10.41 11.37
C PHE A 97 10.99 10.67 9.98
N GLY A 98 11.54 9.62 9.38
CA GLY A 98 12.06 9.66 8.02
C GLY A 98 11.01 8.93 7.19
N ALA A 99 11.10 9.00 5.87
CA ALA A 99 10.12 8.33 5.02
C ALA A 99 10.42 6.84 4.76
N GLY A 100 11.47 6.32 5.41
CA GLY A 100 11.82 4.92 5.29
C GLY A 100 12.67 4.48 4.10
N THR A 101 13.30 3.32 4.25
CA THR A 101 14.10 2.70 3.18
C THR A 101 13.54 1.28 3.06
N LYS A 102 13.07 0.94 1.86
CA LYS A 102 12.49 -0.38 1.58
C LYS A 102 13.56 -1.35 1.11
N LEU A 103 13.87 -2.33 1.94
CA LEU A 103 14.89 -3.35 1.65
C LEU A 103 14.18 -4.54 1.04
N GLU A 104 14.34 -4.69 -0.28
CA GLU A 104 13.71 -5.80 -0.99
C GLU A 104 14.69 -6.93 -1.19
N LEU A 105 14.15 -8.14 -1.38
CA LEU A 105 14.99 -9.33 -1.54
C LEU A 105 15.36 -9.61 -2.97
N LYS A 106 16.64 -9.80 -3.21
CA LYS A 106 17.12 -10.09 -4.55
C LYS A 106 16.93 -11.58 -4.78
N ARG A 107 16.62 -11.95 -6.02
CA ARG A 107 16.43 -13.34 -6.35
C ARG A 107 16.70 -13.56 -7.82
N ALA A 108 16.69 -14.83 -8.23
CA ALA A 108 16.96 -15.20 -9.62
C ALA A 108 15.97 -14.55 -10.58
N ASP A 109 16.44 -14.27 -11.80
CA ASP A 109 15.60 -13.66 -12.82
C ASP A 109 14.46 -14.57 -13.20
N ALA A 110 13.34 -13.98 -13.57
CA ALA A 110 12.18 -14.76 -13.95
C ALA A 110 11.39 -13.91 -14.95
N ALA A 111 11.00 -14.56 -16.05
CA ALA A 111 10.24 -13.90 -17.10
C ALA A 111 8.76 -13.96 -16.80
N PRO A 112 8.02 -12.95 -17.27
CA PRO A 112 6.59 -12.83 -16.97
C PRO A 112 5.70 -13.73 -17.83
N THR A 113 4.59 -14.15 -17.23
CA THR A 113 3.59 -14.95 -17.92
C THR A 113 2.58 -13.88 -18.35
N VAL A 114 2.48 -13.65 -19.65
CA VAL A 114 1.59 -12.63 -20.17
C VAL A 114 0.24 -13.18 -20.63
N SER A 115 -0.83 -12.45 -20.30
CA SER A 115 -2.20 -12.81 -20.68
C SER A 115 -2.91 -11.54 -21.14
N ILE A 116 -3.73 -11.65 -22.18
CA ILE A 116 -4.45 -10.49 -22.71
C ILE A 116 -5.96 -10.75 -22.67
N PHE A 117 -6.74 -9.71 -22.41
CA PHE A 117 -8.20 -9.85 -22.36
C PHE A 117 -8.87 -8.76 -23.18
N PRO A 118 -9.57 -9.16 -24.25
CA PRO A 118 -10.58 -8.34 -24.91
C PRO A 118 -11.57 -7.79 -23.87
N PRO A 119 -12.31 -6.74 -24.22
CA PRO A 119 -13.34 -6.17 -23.34
C PRO A 119 -14.57 -7.05 -23.22
N SER A 120 -15.13 -7.10 -22.02
CA SER A 120 -16.32 -7.92 -21.76
C SER A 120 -17.51 -7.31 -22.47
N SER A 121 -18.41 -8.16 -22.97
CA SER A 121 -19.61 -7.70 -23.68
C SER A 121 -20.44 -6.74 -22.83
N GLU A 122 -20.52 -7.00 -21.54
CA GLU A 122 -21.28 -6.16 -20.60
C GLU A 122 -20.77 -4.73 -20.67
N GLN A 123 -19.46 -4.58 -20.72
CA GLN A 123 -18.79 -3.28 -20.78
C GLN A 123 -19.10 -2.63 -22.13
N LEU A 124 -18.97 -3.41 -23.19
CA LEU A 124 -19.25 -2.91 -24.53
C LEU A 124 -20.63 -2.30 -24.66
N THR A 125 -21.62 -2.90 -24.01
CA THR A 125 -22.98 -2.36 -24.11
C THR A 125 -23.09 -0.96 -23.49
N SER A 126 -22.20 -0.67 -22.53
CA SER A 126 -22.17 0.62 -21.87
C SER A 126 -21.46 1.64 -22.74
N GLY A 127 -20.75 1.17 -23.77
CA GLY A 127 -20.07 2.07 -24.68
C GLY A 127 -18.59 2.30 -24.44
N GLY A 128 -17.99 1.45 -23.62
CA GLY A 128 -16.57 1.55 -23.33
C GLY A 128 -15.91 0.21 -23.59
N ALA A 129 -14.59 0.22 -23.74
CA ALA A 129 -13.86 -1.01 -23.99
C ALA A 129 -12.46 -0.97 -23.38
N SER A 130 -12.18 -1.88 -22.47
CA SER A 130 -10.87 -1.93 -21.86
C SER A 130 -10.21 -3.23 -22.23
N VAL A 131 -8.95 -3.17 -22.63
CA VAL A 131 -8.22 -4.37 -22.98
C VAL A 131 -7.23 -4.47 -21.82
N VAL A 132 -7.21 -5.61 -21.16
CA VAL A 132 -6.31 -5.79 -20.04
C VAL A 132 -5.20 -6.77 -20.34
N CYS A 133 -4.00 -6.43 -19.88
CA CYS A 133 -2.87 -7.31 -20.05
C CYS A 133 -2.24 -7.54 -18.69
N PHE A 134 -2.10 -8.81 -18.30
CA PHE A 134 -1.47 -9.20 -17.04
C PHE A 134 -0.10 -9.78 -17.33
N LEU A 135 0.91 -9.30 -16.63
CA LEU A 135 2.26 -9.81 -16.78
C LEU A 135 2.58 -10.27 -15.37
N ASN A 136 2.57 -11.59 -15.18
CA ASN A 136 2.78 -12.15 -13.86
C ASN A 136 4.06 -12.87 -13.51
N ASN A 137 4.42 -12.78 -12.23
CA ASN A 137 5.57 -13.44 -11.62
C ASN A 137 6.94 -13.25 -12.26
N PHE A 138 7.41 -12.01 -12.34
CA PHE A 138 8.72 -11.75 -12.94
C PHE A 138 9.59 -11.00 -11.94
N TYR A 139 10.90 -11.20 -12.04
CA TYR A 139 11.80 -10.60 -11.07
C TYR A 139 12.12 -9.12 -11.30
N PRO A 140 13.09 -8.71 -12.14
CA PRO A 140 13.41 -7.31 -12.22
C PRO A 140 12.15 -6.55 -12.46
N LYS A 141 11.66 -5.97 -11.38
CA LYS A 141 10.43 -5.18 -11.42
C LYS A 141 10.43 -4.33 -12.66
N ASP A 142 11.60 -4.12 -13.23
CA ASP A 142 11.73 -3.31 -14.43
C ASP A 142 11.33 -4.08 -15.68
N ILE A 143 10.26 -3.60 -16.30
CA ILE A 143 9.72 -4.17 -17.52
C ILE A 143 9.00 -3.03 -18.23
N ASN A 144 9.01 -3.06 -19.55
CA ASN A 144 8.34 -2.04 -20.34
C ASN A 144 7.30 -2.75 -21.20
N VAL A 145 6.04 -2.33 -21.06
CA VAL A 145 4.94 -2.90 -21.82
C VAL A 145 4.61 -1.96 -22.97
N LYS A 146 4.16 -2.51 -24.09
CA LYS A 146 3.80 -1.72 -25.25
C LYS A 146 2.41 -2.16 -25.69
N TRP A 147 1.59 -1.20 -26.08
CA TRP A 147 0.26 -1.47 -26.58
C TRP A 147 0.28 -1.07 -28.05
N LYS A 148 -0.20 -1.95 -28.91
CA LYS A 148 -0.24 -1.67 -30.33
C LYS A 148 -1.63 -1.93 -30.85
N ILE A 149 -2.19 -0.97 -31.57
CA ILE A 149 -3.50 -1.13 -32.18
C ILE A 149 -3.27 -1.01 -33.68
N ASP A 150 -3.48 -2.12 -34.40
CA ASP A 150 -3.25 -2.16 -35.84
C ASP A 150 -1.84 -1.68 -36.16
N GLY A 151 -0.88 -2.17 -35.39
CA GLY A 151 0.52 -1.82 -35.58
C GLY A 151 1.02 -0.55 -34.91
N SER A 152 0.13 0.42 -34.68
CA SER A 152 0.50 1.68 -34.04
C SER A 152 0.56 1.56 -32.52
N GLU A 153 1.62 2.09 -31.95
CA GLU A 153 1.81 2.05 -30.51
C GLU A 153 0.91 3.07 -29.81
N ARG A 154 0.03 2.57 -28.95
CA ARG A 154 -0.90 3.41 -28.20
C ARG A 154 -0.24 3.73 -26.88
N GLN A 155 0.04 5.00 -26.66
CA GLN A 155 0.71 5.44 -25.44
C GLN A 155 -0.18 6.22 -24.47
N ASN A 156 -1.41 6.50 -24.88
CA ASN A 156 -2.35 7.27 -24.07
C ASN A 156 -3.57 6.45 -23.68
N GLY A 157 -4.07 6.66 -22.46
CA GLY A 157 -5.23 5.93 -22.01
C GLY A 157 -4.90 4.61 -21.34
N VAL A 158 -3.63 4.44 -20.98
CA VAL A 158 -3.16 3.21 -20.33
C VAL A 158 -2.93 3.49 -18.83
N LEU A 159 -3.16 2.48 -18.00
CA LEU A 159 -2.93 2.60 -16.55
C LEU A 159 -2.12 1.39 -16.17
N ASN A 160 -0.98 1.59 -15.50
CA ASN A 160 -0.13 0.47 -15.09
C ASN A 160 -0.12 0.35 -13.58
N SER A 161 -0.14 -0.88 -13.08
CA SER A 161 -0.12 -1.14 -11.64
C SER A 161 0.67 -2.41 -11.31
N TRP A 162 1.66 -2.28 -10.43
CA TRP A 162 2.48 -3.41 -9.98
C TRP A 162 2.10 -3.74 -8.55
N THR A 163 2.35 -4.98 -8.15
CA THR A 163 2.06 -5.42 -6.80
C THR A 163 3.38 -5.33 -6.08
N ASP A 164 3.36 -5.40 -4.75
CA ASP A 164 4.60 -5.38 -3.97
C ASP A 164 5.32 -6.70 -4.24
N GLN A 165 6.53 -6.87 -3.70
CA GLN A 165 7.24 -8.11 -3.91
C GLN A 165 6.47 -9.22 -3.20
N ASP A 166 6.30 -10.34 -3.90
CA ASP A 166 5.56 -11.49 -3.39
C ASP A 166 6.19 -12.23 -2.20
N SER A 167 5.42 -12.30 -1.12
CA SER A 167 5.82 -12.97 0.11
C SER A 167 6.33 -14.38 -0.07
N LYS A 168 5.65 -15.15 -0.91
CA LYS A 168 6.03 -16.54 -1.13
C LYS A 168 7.17 -16.77 -2.12
N ASP A 169 7.44 -15.84 -3.04
CA ASP A 169 8.53 -16.07 -3.99
C ASP A 169 9.32 -14.87 -4.53
N SER A 170 9.35 -13.79 -3.77
CA SER A 170 10.10 -12.58 -4.12
C SER A 170 9.92 -12.13 -5.56
N THR A 171 8.73 -12.32 -6.10
CA THR A 171 8.42 -12.00 -7.48
C THR A 171 7.47 -10.79 -7.57
N TYR A 172 7.34 -10.20 -8.75
CA TYR A 172 6.45 -9.06 -8.95
C TYR A 172 5.43 -9.43 -10.01
N SER A 173 4.39 -8.60 -10.15
CA SER A 173 3.33 -8.77 -11.13
C SER A 173 2.87 -7.37 -11.48
N MET A 174 2.26 -7.24 -12.65
CA MET A 174 1.77 -5.96 -13.14
C MET A 174 0.62 -6.16 -14.12
N SER A 175 -0.23 -5.15 -14.22
CA SER A 175 -1.38 -5.13 -15.12
C SER A 175 -1.35 -3.81 -15.85
N SER A 176 -1.70 -3.84 -17.13
CA SER A 176 -1.74 -2.65 -17.98
C SER A 176 -3.11 -2.68 -18.64
N THR A 177 -3.90 -1.63 -18.42
CA THR A 177 -5.24 -1.54 -18.95
C THR A 177 -5.33 -0.44 -19.99
N LEU A 178 -5.83 -0.78 -21.17
CA LEU A 178 -6.01 0.17 -22.25
C LEU A 178 -7.51 0.42 -22.37
N THR A 179 -7.97 1.59 -21.97
CA THR A 179 -9.39 1.90 -22.07
C THR A 179 -9.67 2.77 -23.28
N LEU A 180 -10.68 2.39 -24.05
CA LEU A 180 -11.07 3.10 -25.26
C LEU A 180 -12.57 3.21 -25.31
N THR A 181 -13.08 3.93 -26.31
CA THR A 181 -14.51 4.06 -26.54
C THR A 181 -14.89 2.87 -27.40
N LYS A 182 -16.10 2.37 -27.25
CA LYS A 182 -16.58 1.23 -28.03
C LYS A 182 -16.38 1.44 -29.52
N ASP A 183 -16.66 2.65 -29.99
CA ASP A 183 -16.54 2.92 -31.43
C ASP A 183 -15.13 3.08 -31.99
N GLU A 184 -14.16 3.40 -31.14
CA GLU A 184 -12.78 3.48 -31.61
C GLU A 184 -12.22 2.05 -31.56
N TYR A 185 -12.74 1.25 -30.64
CA TYR A 185 -12.32 -0.13 -30.48
C TYR A 185 -12.76 -0.96 -31.71
N GLU A 186 -14.00 -0.78 -32.12
CA GLU A 186 -14.51 -1.52 -33.27
C GLU A 186 -14.01 -0.99 -34.60
N ARG A 187 -13.23 0.10 -34.56
CA ARG A 187 -12.66 0.72 -35.74
C ARG A 187 -11.28 0.14 -35.97
N HIS A 188 -10.94 -0.91 -35.23
CA HIS A 188 -9.64 -1.54 -35.36
C HIS A 188 -9.74 -3.03 -35.23
N ASN A 189 -8.67 -3.74 -35.58
CA ASN A 189 -8.67 -5.19 -35.55
C ASN A 189 -7.72 -5.91 -34.59
N SER A 190 -6.43 -5.60 -34.64
CA SER A 190 -5.49 -6.30 -33.76
C SER A 190 -5.09 -5.52 -32.52
N TYR A 191 -5.07 -6.22 -31.40
CA TYR A 191 -4.68 -5.61 -30.14
C TYR A 191 -3.53 -6.42 -29.57
N THR A 192 -2.41 -5.74 -29.40
CA THR A 192 -1.18 -6.34 -28.93
C THR A 192 -0.62 -5.73 -27.66
N CYS A 193 -0.04 -6.61 -26.86
CA CYS A 193 0.59 -6.28 -25.59
C CYS A 193 2.00 -6.86 -25.69
N GLU A 194 3.02 -6.00 -25.68
CA GLU A 194 4.41 -6.43 -25.79
C GLU A 194 5.21 -6.10 -24.55
N ALA A 195 5.90 -7.10 -24.02
CA ALA A 195 6.71 -6.92 -22.83
C ALA A 195 8.20 -7.06 -23.15
N THR A 196 8.98 -6.10 -22.69
CA THR A 196 10.41 -6.13 -22.87
C THR A 196 11.01 -6.22 -21.46
N HIS A 197 11.71 -7.32 -21.22
CA HIS A 197 12.29 -7.59 -19.91
C HIS A 197 13.68 -8.17 -20.06
N LYS A 198 14.49 -7.95 -19.03
CA LYS A 198 15.88 -8.43 -18.93
C LYS A 198 16.09 -9.88 -19.40
N THR A 199 15.13 -10.74 -19.09
CA THR A 199 15.20 -12.15 -19.42
C THR A 199 15.14 -12.52 -20.91
N SER A 200 14.64 -11.62 -21.75
CA SER A 200 14.51 -11.87 -23.19
C SER A 200 15.05 -10.71 -24.02
N THR A 201 15.79 -11.04 -25.07
CA THR A 201 16.34 -10.00 -25.95
C THR A 201 15.19 -9.57 -26.85
N SER A 202 14.32 -10.51 -27.18
CA SER A 202 13.17 -10.22 -28.00
C SER A 202 11.96 -10.08 -27.08
N PRO A 203 10.99 -9.23 -27.44
CA PRO A 203 9.98 -8.99 -26.42
C PRO A 203 8.89 -10.07 -26.45
N ILE A 204 8.16 -10.20 -25.34
CA ILE A 204 7.06 -11.16 -25.26
C ILE A 204 5.89 -10.44 -25.93
N VAL A 205 5.25 -11.10 -26.88
CA VAL A 205 4.11 -10.52 -27.58
C VAL A 205 2.86 -11.37 -27.37
N LYS A 206 1.78 -10.73 -26.94
CA LYS A 206 0.52 -11.42 -26.71
C LYS A 206 -0.49 -10.60 -27.45
N SER A 207 -1.23 -11.22 -28.35
CA SER A 207 -2.18 -10.47 -29.16
C SER A 207 -3.48 -11.22 -29.36
N PHE A 208 -4.45 -10.54 -29.98
CA PHE A 208 -5.75 -11.10 -30.33
C PHE A 208 -6.31 -10.16 -31.38
N ASN A 209 -7.15 -10.70 -32.25
CA ASN A 209 -7.77 -9.92 -33.31
C ASN A 209 -9.25 -10.03 -33.08
N ARG A 210 -9.97 -8.96 -33.38
CA ARG A 210 -11.41 -8.95 -33.18
C ARG A 210 -12.16 -9.95 -34.06
N GLU B 1 -4.03 -9.06 25.56
CA GLU B 1 -3.07 -8.13 24.98
C GLU B 1 -3.74 -6.86 24.49
N VAL B 2 -2.94 -5.81 24.35
CA VAL B 2 -3.43 -4.50 23.92
C VAL B 2 -3.49 -4.48 22.40
N GLN B 3 -4.62 -4.03 21.83
CA GLN B 3 -4.71 -4.00 20.38
C GLN B 3 -4.70 -2.64 19.68
N LEU B 4 -5.64 -1.75 20.05
CA LEU B 4 -5.76 -0.43 19.42
C LEU B 4 -6.34 -0.47 18.00
N GLN B 5 -7.54 0.09 17.83
CA GLN B 5 -8.19 0.14 16.52
C GLN B 5 -8.81 1.50 16.21
N GLU B 6 -8.52 2.00 15.01
CA GLU B 6 -8.99 3.29 14.54
C GLU B 6 -10.38 3.23 13.91
N SER B 7 -11.03 4.39 13.81
CA SER B 7 -12.35 4.52 13.22
C SER B 7 -12.61 5.97 12.88
N GLY B 8 -13.38 6.18 11.81
CA GLY B 8 -13.70 7.52 11.37
C GLY B 8 -14.27 7.45 9.98
N PRO B 9 -14.61 8.60 9.36
CA PRO B 9 -15.15 8.57 8.00
C PRO B 9 -14.08 8.24 6.97
N GLY B 10 -14.49 7.72 5.82
CA GLY B 10 -13.52 7.40 4.80
C GLY B 10 -13.35 8.59 3.87
N LEU B 11 -14.42 9.36 3.74
CA LEU B 11 -14.43 10.52 2.90
C LEU B 11 -14.96 11.71 3.71
N VAL B 12 -14.29 12.85 3.58
CA VAL B 12 -14.70 14.06 4.28
C VAL B 12 -14.62 15.21 3.29
N LYS B 13 -15.60 16.12 3.33
CA LYS B 13 -15.58 17.25 2.42
C LYS B 13 -14.57 18.31 2.84
N PRO B 14 -14.02 19.05 1.88
CA PRO B 14 -13.02 20.04 2.28
C PRO B 14 -13.61 21.12 3.20
N TYR B 15 -12.76 21.66 4.06
CA TYR B 15 -13.11 22.70 5.00
C TYR B 15 -14.00 22.24 6.14
N GLN B 16 -14.30 20.95 6.18
CA GLN B 16 -15.09 20.39 7.27
C GLN B 16 -14.11 19.94 8.35
N SER B 17 -14.63 19.36 9.41
CA SER B 17 -13.79 18.88 10.49
C SER B 17 -13.74 17.37 10.37
N LEU B 18 -12.66 16.79 10.88
CA LEU B 18 -12.44 15.35 10.84
C LEU B 18 -12.43 14.83 12.28
N SER B 19 -13.11 13.71 12.50
CA SER B 19 -13.16 13.10 13.81
C SER B 19 -12.85 11.62 13.69
N LEU B 20 -11.90 11.15 14.50
CA LEU B 20 -11.48 9.76 14.53
C LEU B 20 -11.35 9.27 15.98
N SER B 21 -11.63 8.00 16.21
CA SER B 21 -11.51 7.43 17.55
C SER B 21 -10.51 6.27 17.62
N CYS B 22 -9.96 6.02 18.81
CA CYS B 22 -9.04 4.91 18.99
C CYS B 22 -9.49 4.13 20.22
N THR B 23 -9.94 2.90 19.99
CA THR B 23 -10.40 2.07 21.07
C THR B 23 -9.30 1.14 21.45
N VAL B 24 -9.05 1.02 22.74
CA VAL B 24 -8.00 0.12 23.21
C VAL B 24 -8.59 -0.95 24.12
N THR B 25 -8.03 -2.15 24.05
CA THR B 25 -8.47 -3.25 24.88
C THR B 25 -7.23 -3.82 25.54
N GLY B 26 -7.41 -4.53 26.64
CA GLY B 26 -6.28 -5.12 27.34
C GLY B 26 -5.47 -4.16 28.19
N TYR B 27 -5.81 -2.88 28.16
CA TYR B 27 -5.10 -1.88 28.94
C TYR B 27 -5.97 -0.63 29.07
N SER B 28 -5.86 0.06 30.20
CA SER B 28 -6.66 1.26 30.43
C SER B 28 -5.82 2.47 30.12
N ILE B 29 -6.42 3.43 29.42
CA ILE B 29 -5.71 4.67 29.05
C ILE B 29 -5.38 5.60 30.22
N THR B 30 -5.77 5.21 31.43
CA THR B 30 -5.51 6.01 32.61
C THR B 30 -4.31 5.52 33.45
N SER B 31 -3.89 4.27 33.24
CA SER B 31 -2.79 3.67 34.01
C SER B 31 -1.42 4.27 33.81
N ASP B 32 -1.01 4.44 32.55
CA ASP B 32 0.31 4.98 32.27
C ASP B 32 0.35 5.22 30.77
N TYR B 33 1.47 5.74 30.27
CA TYR B 33 1.68 6.01 28.85
C TYR B 33 0.70 6.98 28.22
N ALA B 34 1.19 7.43 27.07
CA ALA B 34 0.55 8.41 26.19
C ALA B 34 0.29 7.78 24.82
N TRP B 35 -0.97 7.58 24.55
CA TRP B 35 -1.47 6.95 23.30
C TRP B 35 -1.71 8.07 22.23
N ASN B 36 -0.71 8.22 21.35
CA ASN B 36 -0.64 9.31 20.30
C ASN B 36 -1.46 9.07 19.00
N TRP B 37 -1.36 10.10 18.13
CA TRP B 37 -1.97 10.14 16.78
C TRP B 37 -0.89 10.55 15.76
N ILE B 38 -0.70 9.69 14.77
CA ILE B 38 0.29 9.92 13.71
C ILE B 38 -0.34 9.66 12.35
N ARG B 39 0.16 10.36 11.34
CA ARG B 39 -0.36 10.16 9.98
C ARG B 39 0.76 9.99 8.97
N GLN B 40 0.53 9.12 8.00
CA GLN B 40 1.50 8.82 6.94
C GLN B 40 0.88 8.93 5.57
N PHE B 41 1.73 8.76 4.56
CA PHE B 41 1.38 8.76 3.14
C PHE B 41 1.23 10.17 2.58
N PRO B 42 0.85 10.28 1.30
CA PRO B 42 0.98 9.23 0.29
C PRO B 42 2.41 8.85 -0.05
N GLY B 43 3.31 9.84 -0.07
CA GLY B 43 4.71 9.57 -0.37
C GLY B 43 5.53 8.98 0.77
N ASN B 44 4.88 8.26 1.69
CA ASN B 44 5.55 7.63 2.83
C ASN B 44 6.00 8.59 3.93
N LYS B 45 5.86 9.89 3.68
CA LYS B 45 6.22 10.91 4.64
C LYS B 45 5.28 10.77 5.85
N LEU B 46 5.84 10.92 7.05
CA LEU B 46 5.11 10.78 8.31
C LEU B 46 5.05 12.06 9.13
N GLU B 47 4.00 12.19 9.95
CA GLU B 47 3.81 13.36 10.78
C GLU B 47 3.13 13.02 12.11
N TRP B 48 3.86 13.21 13.21
CA TRP B 48 3.35 12.97 14.57
C TRP B 48 2.36 14.11 14.81
N MET B 49 1.14 13.78 15.21
CA MET B 49 0.14 14.81 15.42
C MET B 49 -0.09 15.30 16.84
N GLY B 50 0.20 14.45 17.81
CA GLY B 50 0.03 14.84 19.19
C GLY B 50 -0.27 13.64 20.04
N TYR B 51 -0.45 13.87 21.33
CA TYR B 51 -0.74 12.80 22.28
C TYR B 51 -1.59 13.32 23.42
N ILE B 52 -2.17 12.41 24.19
CA ILE B 52 -2.92 12.76 25.38
C ILE B 52 -2.37 11.77 26.41
N THR B 53 -2.02 12.23 27.59
CA THR B 53 -1.40 11.32 28.57
C THR B 53 -2.40 10.62 29.46
N TYR B 54 -1.89 9.67 30.24
CA TYR B 54 -2.71 8.88 31.18
C TYR B 54 -3.40 9.76 32.20
N SER B 55 -2.85 10.95 32.42
CA SER B 55 -3.39 11.90 33.38
C SER B 55 -4.27 12.89 32.66
N GLY B 56 -4.68 12.54 31.45
CA GLY B 56 -5.51 13.43 30.68
C GLY B 56 -4.70 14.60 30.23
N THR B 57 -5.22 15.24 29.21
CA THR B 57 -4.59 16.42 28.67
C THR B 57 -3.08 16.25 28.68
N THR B 58 -2.44 17.20 29.33
CA THR B 58 -0.98 17.26 29.40
C THR B 58 -0.46 17.06 27.99
N ASP B 59 -1.43 17.15 27.10
CA ASP B 59 -1.21 16.92 25.68
C ASP B 59 -0.41 17.97 25.03
N TYR B 60 0.19 17.58 23.92
CA TYR B 60 1.03 18.43 23.11
C TYR B 60 0.58 18.11 21.69
N ASN B 61 0.80 19.05 20.79
CA ASN B 61 0.47 18.92 19.38
C ASN B 61 1.64 19.52 18.66
N PRO B 62 2.12 19.13 17.48
CA PRO B 62 3.18 19.93 16.90
C PRO B 62 2.69 21.34 16.70
N SER B 63 3.64 22.20 16.36
CA SER B 63 3.41 23.64 16.16
C SER B 63 2.12 23.87 15.36
N LEU B 64 1.66 22.85 14.63
CA LEU B 64 0.39 22.92 13.87
C LEU B 64 -0.81 22.65 14.81
N LYS B 65 -0.69 23.15 16.03
CA LYS B 65 -1.69 22.99 17.08
C LYS B 65 -2.82 24.00 17.00
N SER B 66 -3.22 24.40 15.80
CA SER B 66 -4.28 25.41 15.68
C SER B 66 -5.66 24.89 15.29
N ARG B 67 -5.70 23.72 14.66
CA ARG B 67 -6.96 23.13 14.22
C ARG B 67 -7.16 21.79 14.88
N ILE B 68 -6.26 21.41 15.79
CA ILE B 68 -6.30 20.10 16.40
C ILE B 68 -6.75 20.01 17.86
N SER B 69 -7.38 18.89 18.20
CA SER B 69 -7.83 18.63 19.55
C SER B 69 -7.90 17.13 19.81
N ILE B 70 -7.18 16.66 20.82
CA ILE B 70 -7.23 15.24 21.18
C ILE B 70 -7.93 15.20 22.53
N THR B 71 -8.93 14.33 22.64
CA THR B 71 -9.69 14.20 23.89
C THR B 71 -9.82 12.73 24.24
N ARG B 72 -10.52 12.43 25.32
CA ARG B 72 -10.68 11.05 25.73
C ARG B 72 -12.00 10.78 26.40
N ASP B 73 -12.36 9.51 26.46
CA ASP B 73 -13.59 9.06 27.08
C ASP B 73 -13.09 7.90 27.92
N THR B 74 -12.70 8.20 29.15
CA THR B 74 -12.18 7.17 30.08
C THR B 74 -13.15 6.07 30.43
N SER B 75 -14.45 6.34 30.33
CA SER B 75 -15.46 5.33 30.63
C SER B 75 -15.61 4.31 29.50
N LYS B 76 -15.33 4.74 28.27
CA LYS B 76 -15.42 3.82 27.13
C LYS B 76 -14.01 3.36 26.76
N ASN B 77 -13.01 4.01 27.36
CA ASN B 77 -11.61 3.69 27.16
C ASN B 77 -11.10 3.92 25.73
N GLN B 78 -11.32 5.15 25.26
CA GLN B 78 -10.90 5.53 23.92
C GLN B 78 -10.58 7.03 23.84
N PHE B 79 -9.61 7.37 23.01
CA PHE B 79 -9.24 8.76 22.79
C PHE B 79 -9.68 9.14 21.39
N PHE B 80 -9.81 10.44 21.12
CA PHE B 80 -10.31 10.95 19.85
C PHE B 80 -9.46 12.06 19.26
N LEU B 81 -9.53 12.20 17.93
CA LEU B 81 -8.79 13.25 17.21
C LEU B 81 -9.78 14.14 16.44
N GLN B 82 -9.70 15.45 16.65
CA GLN B 82 -10.56 16.41 16.00
C GLN B 82 -9.69 17.38 15.23
N LEU B 83 -9.72 17.29 13.91
CA LEU B 83 -8.94 18.19 13.07
C LEU B 83 -9.95 19.06 12.36
N ASN B 84 -9.76 20.37 12.41
CA ASN B 84 -10.71 21.28 11.78
C ASN B 84 -10.22 21.90 10.48
N SER B 85 -11.16 22.49 9.72
CA SER B 85 -10.86 23.15 8.45
C SER B 85 -9.92 22.30 7.61
N VAL B 86 -10.24 21.02 7.53
CA VAL B 86 -9.47 20.05 6.78
C VAL B 86 -9.41 20.41 5.28
N THR B 87 -8.31 20.08 4.62
CA THR B 87 -8.16 20.33 3.18
C THR B 87 -7.56 19.08 2.53
N THR B 88 -7.38 19.14 1.21
CA THR B 88 -6.83 18.03 0.44
C THR B 88 -5.48 17.59 0.99
N GLU B 89 -4.71 18.52 1.53
CA GLU B 89 -3.42 18.19 2.09
C GLU B 89 -3.51 17.31 3.34
N ASP B 90 -4.72 17.07 3.84
CA ASP B 90 -4.88 16.24 5.03
C ASP B 90 -5.29 14.80 4.72
N THR B 91 -5.35 14.41 3.45
CA THR B 91 -5.71 13.02 3.19
C THR B 91 -4.47 12.17 3.48
N ALA B 92 -4.65 11.13 4.28
CA ALA B 92 -3.57 10.24 4.69
C ALA B 92 -4.20 9.13 5.50
N THR B 93 -3.39 8.22 6.02
CA THR B 93 -3.95 7.17 6.85
C THR B 93 -3.44 7.48 8.24
N TYR B 94 -4.38 7.48 9.19
CA TYR B 94 -4.11 7.83 10.56
C TYR B 94 -3.90 6.63 11.44
N TYR B 95 -2.94 6.76 12.34
CA TYR B 95 -2.60 5.70 13.26
C TYR B 95 -2.59 6.26 14.67
N CYS B 96 -3.12 5.49 15.59
CA CYS B 96 -3.08 5.89 17.00
C CYS B 96 -2.05 4.89 17.54
N ALA B 97 -1.13 5.40 18.34
CA ALA B 97 -0.09 4.55 18.92
C ALA B 97 0.13 4.87 20.41
N ARG B 98 0.77 3.95 21.10
CA ARG B 98 1.06 4.09 22.52
C ARG B 98 2.56 4.32 22.63
N TYR B 99 2.95 5.28 23.45
CA TYR B 99 4.34 5.62 23.64
C TYR B 99 4.75 5.03 24.98
N TYR B 100 5.67 4.07 24.97
CA TYR B 100 6.17 3.43 26.18
C TYR B 100 7.08 4.40 26.94
N TYR B 101 6.90 4.47 28.25
CA TYR B 101 7.69 5.37 29.08
C TYR B 101 9.08 4.84 29.43
N GLY B 102 9.99 5.75 29.75
CA GLY B 102 11.36 5.36 30.04
C GLY B 102 12.03 5.13 28.71
N TYR B 103 11.65 4.03 28.06
CA TYR B 103 12.16 3.67 26.73
C TYR B 103 11.30 4.45 25.73
N TRP B 104 11.82 5.59 25.32
CA TRP B 104 11.15 6.49 24.40
C TRP B 104 10.80 5.92 23.03
N TYR B 105 9.77 5.09 22.97
CA TYR B 105 9.37 4.50 21.71
C TYR B 105 7.93 4.08 21.72
N PHE B 106 7.36 3.89 20.54
CA PHE B 106 5.97 3.47 20.38
C PHE B 106 5.97 1.95 20.32
N ASP B 107 5.34 1.31 21.29
CA ASP B 107 5.32 -0.14 21.30
C ASP B 107 4.01 -0.78 20.86
N VAL B 108 2.97 0.00 20.64
CA VAL B 108 1.70 -0.55 20.20
C VAL B 108 1.15 0.41 19.17
N TRP B 109 0.74 -0.13 18.03
CA TRP B 109 0.19 0.65 16.91
C TRP B 109 -1.14 0.05 16.47
N GLY B 110 -2.02 0.90 15.96
CA GLY B 110 -3.31 0.42 15.48
C GLY B 110 -3.20 -0.05 14.04
N GLN B 111 -4.33 -0.45 13.46
CA GLN B 111 -4.37 -0.94 12.09
C GLN B 111 -4.29 0.17 11.03
N GLY B 112 -4.51 1.41 11.45
CA GLY B 112 -4.48 2.53 10.51
C GLY B 112 -5.85 2.77 9.89
N THR B 113 -6.17 4.02 9.58
CA THR B 113 -7.44 4.36 8.95
C THR B 113 -7.23 5.45 7.90
N THR B 114 -7.65 5.20 6.66
CA THR B 114 -7.47 6.18 5.59
C THR B 114 -8.60 7.18 5.42
N LEU B 115 -8.22 8.44 5.31
CA LEU B 115 -9.18 9.52 5.18
C LEU B 115 -8.89 10.35 3.94
N THR B 116 -9.89 10.47 3.06
CA THR B 116 -9.74 11.23 1.84
C THR B 116 -10.51 12.52 1.97
N VAL B 117 -9.87 13.64 1.65
CA VAL B 117 -10.56 14.92 1.71
C VAL B 117 -10.81 15.31 0.25
N SER B 118 -12.05 15.22 -0.20
CA SER B 118 -12.39 15.55 -1.59
C SER B 118 -13.86 15.92 -1.80
N SER B 119 -14.10 16.85 -2.72
CA SER B 119 -15.46 17.29 -3.03
C SER B 119 -16.14 16.32 -3.99
N ALA B 120 -15.36 15.36 -4.50
CA ALA B 120 -15.88 14.37 -5.42
C ALA B 120 -16.93 13.50 -4.75
N LYS B 121 -17.90 13.05 -5.54
CA LYS B 121 -18.97 12.21 -5.03
C LYS B 121 -18.70 10.70 -5.14
N THR B 122 -19.12 9.99 -4.11
CA THR B 122 -18.98 8.54 -4.06
C THR B 122 -19.59 7.99 -5.34
N THR B 123 -18.89 7.05 -5.96
CA THR B 123 -19.35 6.41 -7.18
C THR B 123 -19.15 4.91 -7.00
N ALA B 124 -20.16 4.13 -7.38
CA ALA B 124 -20.14 2.69 -7.25
C ALA B 124 -19.39 2.04 -8.39
N PRO B 125 -18.70 0.92 -8.11
CA PRO B 125 -17.89 0.32 -9.17
C PRO B 125 -18.70 -0.52 -10.14
N SER B 126 -18.18 -0.55 -11.36
CA SER B 126 -18.70 -1.44 -12.42
C SER B 126 -17.72 -2.61 -12.39
N VAL B 127 -18.22 -3.83 -12.20
CA VAL B 127 -17.36 -5.01 -12.13
C VAL B 127 -17.50 -5.84 -13.41
N TYR B 128 -16.38 -6.04 -14.10
CA TYR B 128 -16.33 -6.79 -15.34
C TYR B 128 -15.53 -8.08 -15.22
N PRO B 129 -16.04 -9.18 -15.79
CA PRO B 129 -15.24 -10.41 -15.73
C PRO B 129 -14.26 -10.46 -16.89
N LEU B 130 -13.18 -11.24 -16.75
CA LEU B 130 -12.19 -11.35 -17.81
C LEU B 130 -11.86 -12.82 -18.05
N ALA B 131 -12.53 -13.43 -19.01
CA ALA B 131 -12.34 -14.84 -19.36
C ALA B 131 -11.12 -15.09 -20.28
N PRO B 132 -10.45 -16.26 -20.12
CA PRO B 132 -9.07 -16.42 -19.64
C PRO B 132 -8.04 -16.70 -20.74
N VAL B 133 -6.76 -16.67 -20.35
CA VAL B 133 -5.64 -16.89 -21.28
C VAL B 133 -4.43 -17.71 -20.65
N SER B 134 -3.85 -18.61 -21.46
CA SER B 134 -2.56 -19.36 -21.18
C SER B 134 -2.44 -20.09 -19.80
N SER B 135 -2.93 -21.34 -19.83
CA SER B 135 -3.01 -22.30 -18.68
C SER B 135 -4.05 -21.80 -17.69
N VAL B 136 -4.87 -20.98 -18.27
CA VAL B 136 -6.03 -20.39 -17.65
C VAL B 136 -5.70 -19.50 -16.45
N THR B 137 -5.54 -18.24 -16.79
CA THR B 137 -5.44 -17.12 -15.83
C THR B 137 -6.72 -16.34 -16.15
N LEU B 138 -7.54 -16.12 -15.14
CA LEU B 138 -8.79 -15.39 -15.27
C LEU B 138 -8.61 -14.04 -14.58
N GLY B 139 -9.55 -13.12 -14.75
CA GLY B 139 -9.41 -11.82 -14.14
C GLY B 139 -10.72 -11.16 -13.79
N CYS B 140 -10.63 -10.03 -13.10
CA CYS B 140 -11.79 -9.26 -12.69
C CYS B 140 -11.38 -7.81 -12.79
N LEU B 141 -12.24 -6.97 -13.34
CA LEU B 141 -11.92 -5.55 -13.50
C LEU B 141 -12.98 -4.70 -12.78
N VAL B 142 -12.51 -3.91 -11.83
CA VAL B 142 -13.38 -3.03 -11.06
C VAL B 142 -13.03 -1.59 -11.43
N LYS B 143 -13.90 -0.90 -12.14
CA LYS B 143 -13.56 0.47 -12.54
C LYS B 143 -14.63 1.51 -12.33
N GLY B 144 -14.20 2.77 -12.24
CA GLY B 144 -15.12 3.87 -12.07
C GLY B 144 -15.75 4.05 -10.69
N TYR B 145 -15.04 3.66 -9.63
CA TYR B 145 -15.55 3.82 -8.28
C TYR B 145 -14.83 4.91 -7.50
N PHE B 146 -15.47 5.41 -6.46
CA PHE B 146 -14.91 6.44 -5.59
C PHE B 146 -15.72 6.41 -4.29
N PRO B 147 -15.03 6.42 -3.14
CA PRO B 147 -13.58 6.42 -2.96
C PRO B 147 -13.01 5.01 -2.73
N GLU B 148 -11.78 4.97 -2.25
CA GLU B 148 -11.12 3.71 -1.93
C GLU B 148 -11.69 3.39 -0.55
N PRO B 149 -11.89 2.10 -0.23
CA PRO B 149 -11.42 0.94 -0.98
C PRO B 149 -12.53 -0.02 -1.34
N VAL B 150 -12.13 -1.06 -2.07
CA VAL B 150 -13.04 -2.13 -2.46
C VAL B 150 -12.38 -3.38 -1.89
N THR B 151 -13.17 -4.42 -1.67
CA THR B 151 -12.62 -5.66 -1.17
C THR B 151 -12.92 -6.68 -2.24
N LEU B 152 -11.91 -7.43 -2.63
CA LEU B 152 -12.09 -8.42 -3.68
C LEU B 152 -11.57 -9.79 -3.23
N THR B 153 -12.46 -10.78 -3.28
CA THR B 153 -12.12 -12.17 -2.92
C THR B 153 -12.55 -13.05 -4.08
N TRP B 154 -11.94 -14.22 -4.19
CA TRP B 154 -12.28 -15.16 -5.25
C TRP B 154 -12.95 -16.36 -4.60
N ASN B 155 -14.18 -16.61 -5.02
CA ASN B 155 -14.96 -17.71 -4.45
C ASN B 155 -15.03 -17.58 -2.94
N SER B 156 -15.71 -16.54 -2.47
CA SER B 156 -15.88 -16.23 -1.05
C SER B 156 -14.64 -16.41 -0.18
N GLY B 157 -13.46 -16.12 -0.74
CA GLY B 157 -12.21 -16.23 0.00
C GLY B 157 -11.62 -17.64 0.05
N SER B 158 -12.36 -18.60 -0.49
CA SER B 158 -11.91 -19.99 -0.49
C SER B 158 -10.66 -20.21 -1.34
N LEU B 159 -10.54 -19.48 -2.44
CA LEU B 159 -9.38 -19.62 -3.32
C LEU B 159 -8.41 -18.48 -3.06
N SER B 160 -7.21 -18.82 -2.60
CA SER B 160 -6.22 -17.81 -2.29
C SER B 160 -4.91 -17.96 -3.04
N SER B 161 -4.64 -19.16 -3.55
CA SER B 161 -3.42 -19.38 -4.29
C SER B 161 -3.56 -18.93 -5.73
N GLY B 162 -2.50 -18.29 -6.25
CA GLY B 162 -2.50 -17.81 -7.62
C GLY B 162 -3.23 -16.51 -7.83
N VAL B 163 -3.62 -15.86 -6.74
CA VAL B 163 -4.34 -14.59 -6.82
C VAL B 163 -3.38 -13.41 -6.79
N HIS B 164 -3.71 -12.37 -7.54
CA HIS B 164 -2.91 -11.15 -7.60
C HIS B 164 -3.86 -9.98 -7.77
N THR B 165 -4.07 -9.22 -6.70
CA THR B 165 -4.95 -8.08 -6.76
C THR B 165 -4.01 -6.91 -6.91
N PHE B 166 -4.23 -6.10 -7.93
CA PHE B 166 -3.34 -4.98 -8.17
C PHE B 166 -3.90 -3.73 -7.55
N PRO B 167 -3.04 -2.88 -6.97
CA PRO B 167 -3.45 -1.64 -6.30
C PRO B 167 -4.21 -0.67 -7.21
N ALA B 168 -5.18 0.03 -6.63
CA ALA B 168 -6.02 0.97 -7.37
C ALA B 168 -5.32 2.19 -7.91
N VAL B 169 -5.61 2.51 -9.17
CA VAL B 169 -5.04 3.66 -9.84
C VAL B 169 -6.15 4.69 -10.09
N LEU B 170 -5.91 5.92 -9.63
CA LEU B 170 -6.85 7.02 -9.77
C LEU B 170 -6.67 7.67 -11.14
N GLN B 171 -7.73 7.69 -11.93
CA GLN B 171 -7.69 8.33 -13.24
C GLN B 171 -8.83 9.36 -13.29
N SER B 172 -8.51 10.57 -12.85
CA SER B 172 -9.45 11.68 -12.80
C SER B 172 -10.63 11.43 -11.86
N ASP B 173 -10.36 11.55 -10.56
CA ASP B 173 -11.36 11.36 -9.52
C ASP B 173 -12.07 10.02 -9.47
N LEU B 174 -11.70 9.10 -10.34
CA LEU B 174 -12.30 7.78 -10.33
C LEU B 174 -11.17 6.77 -10.20
N TYR B 175 -11.48 5.61 -9.63
CA TYR B 175 -10.50 4.55 -9.42
C TYR B 175 -10.76 3.35 -10.32
N THR B 176 -9.70 2.60 -10.58
CA THR B 176 -9.74 1.38 -11.37
C THR B 176 -8.79 0.40 -10.70
N LEU B 177 -9.26 -0.82 -10.46
CA LEU B 177 -8.47 -1.86 -9.82
C LEU B 177 -8.73 -3.15 -10.57
N SER B 178 -7.81 -4.09 -10.48
CA SER B 178 -7.98 -5.37 -11.16
C SER B 178 -7.37 -6.54 -10.37
N SER B 179 -7.70 -7.75 -10.77
CA SER B 179 -7.17 -8.92 -10.09
C SER B 179 -7.16 -10.10 -11.05
N SER B 180 -6.17 -10.97 -10.88
CA SER B 180 -6.02 -12.17 -11.67
C SER B 180 -5.86 -13.36 -10.74
N VAL B 181 -6.29 -14.53 -11.22
CA VAL B 181 -6.20 -15.77 -10.47
C VAL B 181 -5.89 -16.86 -11.48
N THR B 182 -4.84 -17.62 -11.21
CA THR B 182 -4.41 -18.69 -12.09
C THR B 182 -4.78 -20.04 -11.48
N VAL B 183 -5.47 -20.86 -12.27
CA VAL B 183 -5.93 -22.19 -11.86
C VAL B 183 -5.55 -23.17 -12.97
N THR B 184 -5.60 -24.46 -12.69
CA THR B 184 -5.25 -25.46 -13.70
C THR B 184 -6.34 -25.54 -14.75
N SER B 185 -5.98 -26.01 -15.93
CA SER B 185 -6.91 -26.14 -17.05
C SER B 185 -8.08 -27.04 -16.73
N SER B 186 -7.85 -28.05 -15.89
CA SER B 186 -8.90 -28.98 -15.51
C SER B 186 -9.91 -28.40 -14.53
N THR B 187 -9.46 -27.40 -13.77
CA THR B 187 -10.32 -26.76 -12.79
C THR B 187 -11.45 -25.96 -13.44
N TRP B 188 -11.08 -25.15 -14.41
CA TRP B 188 -12.02 -24.28 -15.08
C TRP B 188 -12.07 -24.65 -16.57
N PRO B 189 -13.28 -24.83 -17.13
CA PRO B 189 -14.48 -24.14 -16.66
C PRO B 189 -15.47 -24.96 -15.85
N SER B 190 -15.19 -26.25 -15.66
CA SER B 190 -16.08 -27.13 -14.92
C SER B 190 -16.35 -26.63 -13.51
N GLN B 191 -15.30 -26.20 -12.81
CA GLN B 191 -15.45 -25.68 -11.45
C GLN B 191 -15.60 -24.18 -11.54
N SER B 192 -16.71 -23.68 -11.02
CA SER B 192 -17.02 -22.26 -11.04
C SER B 192 -15.98 -21.39 -10.33
N ILE B 193 -15.75 -20.21 -10.88
CA ILE B 193 -14.80 -19.24 -10.34
C ILE B 193 -15.49 -17.89 -10.44
N THR B 194 -15.90 -17.35 -9.31
CA THR B 194 -16.56 -16.06 -9.31
C THR B 194 -15.74 -15.04 -8.52
N CYS B 195 -15.88 -13.79 -8.91
CA CYS B 195 -15.15 -12.69 -8.30
C CYS B 195 -16.11 -11.94 -7.40
N ASN B 196 -15.70 -11.70 -6.16
CA ASN B 196 -16.55 -11.01 -5.17
C ASN B 196 -16.04 -9.61 -4.85
N VAL B 197 -16.83 -8.60 -5.23
CA VAL B 197 -16.47 -7.20 -5.03
C VAL B 197 -17.38 -6.47 -4.05
N ALA B 198 -16.76 -5.71 -3.14
CA ALA B 198 -17.51 -4.97 -2.13
C ALA B 198 -16.98 -3.56 -2.00
N HIS B 199 -17.88 -2.59 -2.09
CA HIS B 199 -17.50 -1.18 -1.96
C HIS B 199 -18.40 -0.50 -0.93
N PRO B 200 -18.07 -0.66 0.35
CA PRO B 200 -18.72 -0.15 1.57
C PRO B 200 -19.22 1.28 1.45
N ALA B 201 -18.37 2.19 0.97
CA ALA B 201 -18.74 3.61 0.82
C ALA B 201 -20.01 3.85 0.02
N SER B 202 -20.29 2.99 -0.96
CA SER B 202 -21.52 3.13 -1.75
C SER B 202 -22.43 1.92 -1.47
N SER B 203 -22.04 1.13 -0.46
CA SER B 203 -22.78 -0.05 -0.07
C SER B 203 -23.10 -0.96 -1.25
N THR B 204 -22.09 -1.19 -2.08
CA THR B 204 -22.27 -2.03 -3.25
C THR B 204 -21.51 -3.35 -3.06
N LYS B 205 -22.18 -4.45 -3.36
CA LYS B 205 -21.59 -5.78 -3.26
C LYS B 205 -22.13 -6.57 -4.46
N VAL B 206 -21.23 -7.17 -5.23
CA VAL B 206 -21.62 -7.92 -6.41
C VAL B 206 -20.72 -9.13 -6.65
N ASP B 207 -21.36 -10.25 -6.99
CA ASP B 207 -20.67 -11.52 -7.30
C ASP B 207 -20.71 -11.63 -8.81
N LYS B 208 -19.55 -11.74 -9.44
CA LYS B 208 -19.45 -11.84 -10.90
C LYS B 208 -18.75 -13.14 -11.31
N LYS B 209 -19.52 -14.06 -11.89
CA LYS B 209 -19.00 -15.35 -12.33
C LYS B 209 -18.26 -15.26 -13.68
N ILE B 210 -17.07 -15.86 -13.76
CA ILE B 210 -16.28 -15.83 -15.01
C ILE B 210 -16.73 -17.00 -15.91
N GLU B 211 -17.56 -16.68 -16.89
CA GLU B 211 -18.09 -17.64 -17.86
C GLU B 211 -17.09 -17.69 -19.02
N PRO B 212 -16.91 -18.86 -19.63
CA PRO B 212 -16.07 -18.89 -20.84
C PRO B 212 -16.80 -18.33 -22.07
N ARG B 213 -16.87 -17.01 -22.13
CA ARG B 213 -17.52 -16.34 -23.26
C ARG B 213 -16.51 -16.17 -24.39
#